data_6YWD
#
_entry.id   6YWD
#
_cell.length_a   143.710
_cell.length_b   143.710
_cell.length_c   90.223
_cell.angle_alpha   90.000
_cell.angle_beta   90.000
_cell.angle_gamma   120.000
#
_symmetry.space_group_name_H-M   'P 31 2 1'
#
loop_
_entity.id
_entity.type
_entity.pdbx_description
1 polymer 'Antibody Mota, Heavy Chain'
2 polymer 'Antibody Mota, Light Chain'
3 polymer 'De novo designed protein 4H_01'
#
loop_
_entity_poly.entity_id
_entity_poly.type
_entity_poly.pdbx_seq_one_letter_code
_entity_poly.pdbx_strand_id
1 'polypeptide(L)'
;MGCVAETGQVTLRESGPALVKPTQTLTLTCTFSGFSLSTAGMSVGWIRQPPGKALEWLADIWWDDKKHYNPSLKDRLTIS
KDTSKNQVVLKVTNMDPADTATYYCARDMIFNFYFDVWGQGTTVTVSSASTKGPSVFPLAPSSKSTSGGTAALGCLVKDY
FPEPVTVSWNSGALTSGVHTFPAVLQSSGLYSLSSVVTVPSSSLGTQTYICNVNHKPSNTKVDKKVEPKSCDK
;
A
2 'polypeptide(L)'
;MGCVAETGDIQMTQSPSTLSASVGDRVTITCSASSRVGYMHWYQQKPGKAPKLLIYDTSKLASGVPSRFSGSGSGTEFTL
TISSLQPDDFATYYCFQGSGYPFTFGGGTKVEIKRTVAAPSVFIFPPSDEQLKSGTASVVCLLNNFYPREAKVQWKVDNA
LQSGNSQESVTEQDSKDSTYSLSSTLTLSKADYEKHKVYACEVTHQGLSSPVTKSFNRGEC
;
B
3 'polypeptide(L)'
;MEVERELRNWLSEVLSKINDAPVTNDIKKAISNQVLKVAEQVWNGHSKEELQERVRKEVCSVCSNVPACWAICGGLLEVV
KYQGSHHHHHH
;
C
#
# COMPACT_ATOMS: atom_id res chain seq x y z
N GLN A 9 9.11 -0.69 -20.08
CA GLN A 9 8.74 -0.50 -18.69
C GLN A 9 7.67 -1.50 -18.25
N VAL A 10 7.98 -2.27 -17.20
CA VAL A 10 7.06 -3.27 -16.69
C VAL A 10 5.95 -2.59 -15.91
N THR A 11 4.72 -3.04 -16.11
CA THR A 11 3.57 -2.41 -15.47
C THR A 11 2.43 -3.41 -15.38
N LEU A 12 1.92 -3.62 -14.17
CA LEU A 12 0.79 -4.51 -13.94
C LEU A 12 -0.39 -3.70 -13.39
N ARG A 13 -1.60 -4.16 -13.69
CA ARG A 13 -2.81 -3.50 -13.23
C ARG A 13 -3.86 -4.56 -12.92
N GLU A 14 -4.37 -4.54 -11.69
CA GLU A 14 -5.41 -5.49 -11.31
C GLU A 14 -6.78 -4.95 -11.70
N SER A 15 -7.71 -5.88 -11.91
CA SER A 15 -9.10 -5.53 -12.19
C SER A 15 -9.98 -6.61 -11.60
N GLY A 16 -11.17 -6.20 -11.17
CA GLY A 16 -12.10 -7.11 -10.55
C GLY A 16 -13.24 -6.35 -9.89
N PRO A 17 -14.14 -7.08 -9.25
CA PRO A 17 -15.28 -6.43 -8.59
C PRO A 17 -14.86 -5.74 -7.29
N ALA A 18 -15.61 -4.71 -6.94
CA ALA A 18 -15.44 -4.08 -5.63
C ALA A 18 -16.24 -4.80 -4.55
N LEU A 19 -17.27 -5.55 -4.94
CA LEU A 19 -18.19 -6.19 -4.03
C LEU A 19 -18.48 -7.61 -4.51
N VAL A 20 -18.41 -8.57 -3.58
CA VAL A 20 -18.95 -9.92 -3.81
C VAL A 20 -19.73 -10.32 -2.56
N LYS A 21 -20.95 -10.82 -2.77
CA LYS A 21 -21.73 -11.33 -1.65
C LYS A 21 -21.09 -12.63 -1.14
N PRO A 22 -21.22 -12.92 0.16
CA PRO A 22 -20.57 -14.13 0.69
C PRO A 22 -21.01 -15.38 -0.04
N THR A 23 -20.07 -16.33 -0.17
CA THR A 23 -20.19 -17.59 -0.91
C THR A 23 -20.25 -17.40 -2.42
N GLN A 24 -20.07 -16.19 -2.93
CA GLN A 24 -19.90 -16.02 -4.37
C GLN A 24 -18.45 -16.30 -4.75
N THR A 25 -18.14 -16.16 -6.04
CA THR A 25 -16.81 -16.46 -6.56
C THR A 25 -16.18 -15.19 -7.12
N LEU A 26 -14.95 -14.91 -6.69
CA LEU A 26 -14.20 -13.72 -7.08
C LEU A 26 -13.29 -14.03 -8.26
N THR A 27 -13.37 -13.20 -9.30
CA THR A 27 -12.57 -13.33 -10.51
C THR A 27 -11.70 -12.09 -10.66
N LEU A 28 -10.40 -12.23 -10.43
CA LEU A 28 -9.45 -11.14 -10.54
C LEU A 28 -8.61 -11.31 -11.80
N THR A 29 -8.39 -10.21 -12.52
CA THR A 29 -7.64 -10.21 -13.77
C THR A 29 -6.45 -9.26 -13.64
N CYS A 30 -5.26 -9.81 -13.78
CA CYS A 30 -4.04 -9.02 -13.87
C CYS A 30 -3.72 -8.78 -15.34
N THR A 31 -3.62 -7.50 -15.71
CA THR A 31 -3.26 -7.09 -17.06
C THR A 31 -1.88 -6.44 -17.00
N PHE A 32 -0.92 -7.00 -17.73
CA PHE A 32 0.45 -6.54 -17.63
C PHE A 32 1.00 -6.13 -19.00
N SER A 33 1.99 -5.25 -18.96
CA SER A 33 2.74 -4.81 -20.12
C SER A 33 4.21 -4.67 -19.72
N GLY A 34 5.08 -4.55 -20.72
CA GLY A 34 6.50 -4.46 -20.50
C GLY A 34 7.23 -5.79 -20.52
N PHE A 35 6.50 -6.90 -20.37
CA PHE A 35 7.07 -8.23 -20.54
C PHE A 35 5.96 -9.14 -21.04
N SER A 36 6.30 -10.40 -21.28
CA SER A 36 5.34 -11.40 -21.73
C SER A 36 5.48 -12.66 -20.91
N LEU A 37 4.36 -13.35 -20.69
CA LEU A 37 4.37 -14.61 -19.97
C LEU A 37 4.74 -15.79 -20.87
N SER A 38 5.04 -15.55 -22.14
CA SER A 38 5.55 -16.60 -23.00
C SER A 38 7.07 -16.73 -22.92
N THR A 39 7.77 -15.61 -22.76
CA THR A 39 9.21 -15.63 -22.60
C THR A 39 9.58 -16.41 -21.33
N ALA A 40 10.70 -17.12 -21.41
CA ALA A 40 11.09 -18.07 -20.38
C ALA A 40 11.32 -17.36 -19.04
N GLY A 41 11.28 -18.14 -17.97
CA GLY A 41 11.65 -17.68 -16.65
C GLY A 41 10.68 -16.70 -16.03
N MET A 42 9.61 -16.36 -16.74
CA MET A 42 8.66 -15.37 -16.24
C MET A 42 7.63 -16.01 -15.33
N SER A 43 6.94 -15.14 -14.57
CA SER A 43 5.91 -15.58 -13.64
C SER A 43 5.10 -14.36 -13.22
N VAL A 44 3.87 -14.62 -12.79
CA VAL A 44 3.01 -13.60 -12.18
C VAL A 44 2.33 -14.21 -10.96
N GLY A 45 2.40 -13.49 -9.84
CA GLY A 45 1.80 -13.96 -8.62
C GLY A 45 0.73 -13.04 -8.07
N TRP A 46 -0.14 -13.58 -7.23
CA TRP A 46 -1.18 -12.85 -6.53
C TRP A 46 -0.89 -12.88 -5.04
N ILE A 47 -0.84 -11.67 -4.45
CA ILE A 47 -0.64 -11.42 -3.03
C ILE A 47 -1.79 -10.56 -2.55
N ARG A 48 -2.44 -10.94 -1.46
CA ARG A 48 -3.52 -10.12 -0.94
C ARG A 48 -3.14 -9.58 0.44
N GLN A 49 -3.87 -8.56 0.86
CA GLN A 49 -3.64 -7.98 2.18
C GLN A 49 -4.97 -7.63 2.83
N PRO A 50 -5.31 -8.29 3.94
CA PRO A 50 -6.51 -7.90 4.67
C PRO A 50 -6.26 -6.60 5.41
N PRO A 51 -7.32 -5.82 5.69
CA PRO A 51 -7.13 -4.52 6.35
C PRO A 51 -6.48 -4.67 7.71
N GLY A 52 -5.42 -3.90 7.94
CA GLY A 52 -4.71 -3.98 9.20
C GLY A 52 -4.01 -5.30 9.44
N LYS A 53 -3.80 -6.09 8.40
CA LYS A 53 -3.09 -7.35 8.50
C LYS A 53 -1.85 -7.32 7.59
N ALA A 54 -0.98 -8.30 7.79
CA ALA A 54 0.23 -8.40 7.00
C ALA A 54 -0.10 -8.80 5.57
N LEU A 55 0.94 -8.89 4.74
CA LEU A 55 0.76 -9.40 3.39
C LEU A 55 0.58 -10.92 3.44
N GLU A 56 0.02 -11.45 2.35
CA GLU A 56 -0.24 -12.88 2.26
C GLU A 56 -0.16 -13.29 0.80
N TRP A 57 0.75 -14.20 0.47
CA TRP A 57 0.85 -14.68 -0.89
C TRP A 57 -0.25 -15.70 -1.16
N LEU A 58 -0.90 -15.56 -2.32
CA LEU A 58 -1.98 -16.45 -2.72
C LEU A 58 -1.55 -17.45 -3.77
N ALA A 59 -1.07 -16.97 -4.92
CA ALA A 59 -0.82 -17.89 -6.03
C ALA A 59 0.32 -17.37 -6.89
N ASP A 60 0.81 -18.25 -7.79
CA ASP A 60 1.66 -17.80 -8.88
C ASP A 60 1.64 -18.78 -10.04
N ILE A 61 1.85 -18.19 -11.24
CA ILE A 61 1.82 -18.83 -12.54
C ILE A 61 3.17 -18.59 -13.22
N TRP A 62 3.62 -19.57 -14.01
CA TRP A 62 4.89 -19.48 -14.71
C TRP A 62 4.69 -19.67 -16.21
N TRP A 63 5.72 -19.31 -16.97
CA TRP A 63 5.65 -19.37 -18.43
C TRP A 63 5.40 -20.79 -18.92
N ASP A 64 5.87 -21.80 -18.19
CA ASP A 64 5.60 -23.19 -18.51
C ASP A 64 4.32 -23.71 -17.86
N ASP A 65 3.39 -22.82 -17.50
CA ASP A 65 2.08 -23.14 -16.96
C ASP A 65 2.16 -23.91 -15.64
N LYS A 66 3.31 -23.87 -14.96
CA LYS A 66 3.36 -24.39 -13.60
C LYS A 66 2.64 -23.44 -12.66
N LYS A 67 2.03 -24.01 -11.61
CA LYS A 67 1.14 -23.27 -10.73
C LYS A 67 1.41 -23.63 -9.27
N HIS A 68 1.44 -22.61 -8.40
CA HIS A 68 1.48 -22.85 -6.96
C HIS A 68 0.46 -21.97 -6.26
N TYR A 69 -0.09 -22.51 -5.17
CA TYR A 69 -1.09 -21.84 -4.36
C TYR A 69 -0.71 -21.91 -2.90
N ASN A 70 -1.13 -20.92 -2.13
CA ASN A 70 -0.98 -20.97 -0.69
C ASN A 70 -1.87 -22.09 -0.17
N PRO A 71 -1.34 -23.02 0.63
CA PRO A 71 -2.19 -24.09 1.19
C PRO A 71 -3.34 -23.57 2.04
N SER A 72 -3.20 -22.40 2.65
CA SER A 72 -4.24 -21.87 3.54
C SER A 72 -5.57 -21.74 2.83
N LEU A 73 -5.55 -21.38 1.55
CA LEU A 73 -6.75 -21.37 0.72
C LEU A 73 -6.82 -22.64 -0.13
N LYS A 74 -6.79 -23.78 0.54
CA LYS A 74 -6.87 -25.07 -0.14
C LYS A 74 -8.24 -25.21 -0.82
N ASP A 75 -8.22 -25.65 -2.07
CA ASP A 75 -9.36 -25.98 -2.92
C ASP A 75 -10.09 -24.74 -3.47
N ARG A 76 -9.85 -23.56 -2.92
CA ARG A 76 -10.61 -22.37 -3.30
C ARG A 76 -9.93 -21.54 -4.37
N LEU A 77 -8.66 -21.82 -4.68
CA LEU A 77 -7.89 -21.04 -5.62
C LEU A 77 -7.73 -21.77 -6.94
N THR A 78 -7.94 -21.05 -8.04
CA THR A 78 -7.60 -21.56 -9.38
C THR A 78 -7.04 -20.42 -10.20
N ILE A 79 -5.76 -20.50 -10.55
CA ILE A 79 -5.09 -19.48 -11.35
C ILE A 79 -4.95 -19.97 -12.79
N SER A 80 -5.08 -19.05 -13.73
CA SER A 80 -4.99 -19.37 -15.15
C SER A 80 -4.27 -18.24 -15.87
N LYS A 81 -3.61 -18.59 -16.97
CA LYS A 81 -2.82 -17.62 -17.72
C LYS A 81 -3.25 -17.60 -19.18
N ASP A 82 -3.36 -16.41 -19.75
CA ASP A 82 -3.65 -16.23 -21.17
C ASP A 82 -2.55 -15.31 -21.71
N THR A 83 -1.55 -15.92 -22.34
CA THR A 83 -0.43 -15.16 -22.88
C THR A 83 -0.86 -14.29 -24.05
N SER A 84 -1.89 -14.73 -24.78
CA SER A 84 -2.36 -13.97 -25.94
C SER A 84 -2.82 -12.58 -25.53
N LYS A 85 -3.61 -12.49 -24.46
CA LYS A 85 -4.17 -11.23 -23.98
C LYS A 85 -3.31 -10.57 -22.92
N ASN A 86 -2.17 -11.17 -22.56
CA ASN A 86 -1.29 -10.66 -21.51
C ASN A 86 -2.02 -10.57 -20.17
N GLN A 87 -2.78 -11.61 -19.83
CA GLN A 87 -3.57 -11.56 -18.61
C GLN A 87 -3.42 -12.83 -17.79
N VAL A 88 -3.54 -12.66 -16.48
CA VAL A 88 -3.66 -13.77 -15.55
C VAL A 88 -4.99 -13.61 -14.83
N VAL A 89 -5.62 -14.71 -14.47
CA VAL A 89 -6.89 -14.67 -13.75
C VAL A 89 -6.79 -15.57 -12.54
N LEU A 90 -6.96 -14.98 -11.36
CA LEU A 90 -7.18 -15.74 -10.15
C LEU A 90 -8.67 -15.87 -9.92
N LYS A 91 -9.13 -17.07 -9.58
CA LYS A 91 -10.51 -17.26 -9.17
C LYS A 91 -10.52 -17.88 -7.79
N VAL A 92 -11.03 -17.13 -6.82
CA VAL A 92 -11.18 -17.60 -5.45
C VAL A 92 -12.65 -17.89 -5.23
N THR A 93 -12.95 -19.05 -4.65
CA THR A 93 -14.34 -19.46 -4.48
C THR A 93 -14.72 -19.41 -3.01
N ASN A 94 -16.03 -19.46 -2.79
CA ASN A 94 -16.62 -19.45 -1.44
C ASN A 94 -16.10 -18.25 -0.63
N MET A 95 -16.38 -17.06 -1.15
CA MET A 95 -15.89 -15.84 -0.53
C MET A 95 -16.52 -15.62 0.83
N ASP A 96 -15.67 -15.56 1.86
CA ASP A 96 -15.95 -15.30 3.26
C ASP A 96 -15.85 -13.80 3.51
N PRO A 97 -16.40 -13.28 4.62
CA PRO A 97 -16.19 -11.86 4.92
C PRO A 97 -14.79 -11.55 5.45
N ALA A 98 -14.02 -12.55 5.89
CA ALA A 98 -12.64 -12.35 6.32
C ALA A 98 -11.66 -12.27 5.14
N ASP A 99 -12.10 -12.60 3.92
CA ASP A 99 -11.28 -12.49 2.73
C ASP A 99 -11.44 -11.13 2.04
N THR A 100 -12.06 -10.18 2.75
CA THR A 100 -12.10 -8.79 2.34
C THR A 100 -10.70 -8.19 2.39
N ALA A 101 -10.22 -7.67 1.26
CA ALA A 101 -8.82 -7.31 1.21
C ALA A 101 -8.50 -6.51 -0.05
N THR A 102 -7.29 -5.98 -0.09
CA THR A 102 -6.72 -5.42 -1.32
C THR A 102 -5.84 -6.48 -1.97
N TYR A 103 -6.09 -6.75 -3.25
CA TYR A 103 -5.45 -7.84 -3.99
C TYR A 103 -4.49 -7.24 -5.00
N TYR A 104 -3.23 -7.67 -4.93
CA TYR A 104 -2.15 -7.23 -5.81
C TYR A 104 -1.72 -8.39 -6.70
N CYS A 105 -1.41 -8.09 -7.95
CA CYS A 105 -0.67 -8.99 -8.81
C CYS A 105 0.70 -8.39 -9.07
N ALA A 106 1.73 -9.24 -9.02
CA ALA A 106 3.09 -8.77 -9.16
C ALA A 106 3.85 -9.71 -10.07
N ARG A 107 4.94 -9.20 -10.64
CA ARG A 107 5.77 -9.98 -11.55
C ARG A 107 6.82 -10.74 -10.76
N ASP A 108 7.20 -11.91 -11.28
CA ASP A 108 8.20 -12.76 -10.66
C ASP A 108 9.06 -13.36 -11.77
N MET A 109 10.27 -13.77 -11.40
CA MET A 109 11.17 -14.43 -12.34
C MET A 109 11.83 -15.61 -11.65
N ILE A 110 12.24 -16.59 -12.46
CA ILE A 110 12.97 -17.73 -11.91
C ILE A 110 14.37 -17.32 -11.45
N PHE A 111 14.91 -16.24 -12.01
CA PHE A 111 16.18 -15.73 -11.52
C PHE A 111 16.03 -15.04 -10.17
N ASN A 112 14.88 -14.42 -9.93
CA ASN A 112 14.67 -13.64 -8.71
C ASN A 112 14.04 -14.47 -7.60
N PHE A 113 12.91 -15.12 -7.89
CA PHE A 113 12.04 -15.73 -6.90
C PHE A 113 11.63 -14.72 -5.83
N TYR A 114 11.31 -13.51 -6.29
CA TYR A 114 10.69 -12.48 -5.50
C TYR A 114 9.92 -11.58 -6.45
N PHE A 115 8.98 -10.82 -5.92
CA PHE A 115 8.15 -9.93 -6.72
C PHE A 115 8.78 -8.55 -6.76
N ASP A 116 9.16 -8.09 -7.96
CA ASP A 116 9.83 -6.80 -8.11
C ASP A 116 8.85 -5.68 -8.44
N VAL A 117 8.06 -5.86 -9.50
CA VAL A 117 7.12 -4.84 -9.96
C VAL A 117 5.71 -5.30 -9.61
N TRP A 118 5.02 -4.49 -8.81
CA TRP A 118 3.66 -4.80 -8.37
C TRP A 118 2.65 -3.95 -9.13
N GLY A 119 1.44 -4.47 -9.23
CA GLY A 119 0.33 -3.65 -9.68
C GLY A 119 -0.04 -2.63 -8.61
N GLN A 120 -1.00 -1.76 -8.94
CA GLN A 120 -1.43 -0.79 -7.95
C GLN A 120 -2.35 -1.39 -6.90
N GLY A 121 -3.00 -2.51 -7.21
CA GLY A 121 -3.86 -3.17 -6.25
C GLY A 121 -5.32 -2.83 -6.47
N THR A 122 -6.19 -3.80 -6.20
CA THR A 122 -7.63 -3.60 -6.29
C THR A 122 -8.31 -4.09 -5.01
N THR A 123 -9.15 -3.24 -4.41
CA THR A 123 -9.79 -3.57 -3.16
C THR A 123 -11.14 -4.23 -3.41
N VAL A 124 -11.34 -5.41 -2.83
CA VAL A 124 -12.61 -6.13 -2.91
C VAL A 124 -13.16 -6.29 -1.50
N THR A 125 -14.46 -6.04 -1.38
CA THR A 125 -15.18 -6.08 -0.11
C THR A 125 -16.28 -7.14 -0.21
N VAL A 126 -16.31 -8.05 0.75
CA VAL A 126 -17.29 -9.12 0.78
C VAL A 126 -18.41 -8.69 1.73
N SER A 127 -19.60 -8.43 1.20
CA SER A 127 -20.71 -7.94 2.01
C SER A 127 -22.02 -8.19 1.29
N SER A 128 -23.10 -8.19 2.08
CA SER A 128 -24.45 -8.31 1.52
C SER A 128 -24.91 -7.00 0.89
N ALA A 129 -24.43 -5.87 1.41
CA ALA A 129 -25.03 -4.58 1.12
C ALA A 129 -24.77 -4.14 -0.31
N SER A 130 -25.62 -3.23 -0.78
CA SER A 130 -25.47 -2.64 -2.10
C SER A 130 -24.42 -1.53 -2.07
N THR A 131 -23.85 -1.26 -3.24
CA THR A 131 -22.94 -0.14 -3.37
C THR A 131 -23.68 1.15 -3.08
N LYS A 132 -22.95 2.15 -2.59
CA LYS A 132 -23.51 3.49 -2.40
C LYS A 132 -22.47 4.53 -2.75
N GLY A 133 -22.82 5.42 -3.68
CA GLY A 133 -21.99 6.55 -4.01
C GLY A 133 -21.98 7.56 -2.89
N PRO A 134 -20.90 8.33 -2.80
CA PRO A 134 -20.77 9.30 -1.70
C PRO A 134 -21.35 10.65 -2.06
N SER A 135 -21.68 11.41 -1.02
CA SER A 135 -21.98 12.82 -1.18
C SER A 135 -20.71 13.61 -0.90
N VAL A 136 -20.38 14.55 -1.78
CA VAL A 136 -19.21 15.40 -1.60
C VAL A 136 -19.68 16.81 -1.31
N PHE A 137 -19.09 17.42 -0.29
CA PHE A 137 -19.52 18.70 0.22
C PHE A 137 -18.33 19.62 0.39
N PRO A 138 -18.46 20.90 0.08
CA PRO A 138 -17.32 21.81 0.24
C PRO A 138 -17.07 22.12 1.71
N LEU A 139 -15.80 22.03 2.12
CA LEU A 139 -15.33 22.54 3.39
C LEU A 139 -14.72 23.91 3.07
N ALA A 140 -15.59 24.91 3.01
CA ALA A 140 -15.22 26.21 2.49
C ALA A 140 -14.18 26.87 3.38
N PRO A 141 -13.19 27.57 2.81
CA PRO A 141 -12.26 28.36 3.63
C PRO A 141 -13.04 29.36 4.47
N SER A 142 -13.40 28.95 5.68
CA SER A 142 -14.21 29.78 6.55
C SER A 142 -13.57 31.15 6.73
N SER A 143 -14.38 32.20 6.61
CA SER A 143 -13.87 33.56 6.69
C SER A 143 -12.90 33.70 7.86
N LYS A 144 -13.39 33.59 9.09
CA LYS A 144 -12.51 33.78 10.21
C LYS A 144 -12.01 32.48 10.81
N SER A 145 -12.50 31.33 10.35
CA SER A 145 -12.37 30.10 11.12
C SER A 145 -11.31 29.14 10.60
N THR A 146 -10.68 29.42 9.46
CA THR A 146 -9.56 28.60 8.99
C THR A 146 -8.47 29.50 8.42
N SER A 147 -8.02 30.49 9.18
CA SER A 147 -7.01 31.42 8.69
C SER A 147 -6.08 31.86 9.81
N GLY A 148 -4.77 31.87 9.51
CA GLY A 148 -3.75 32.46 10.34
C GLY A 148 -2.87 33.38 9.53
N GLY A 149 -1.81 32.82 8.94
CA GLY A 149 -1.07 33.48 7.87
C GLY A 149 -1.29 32.69 6.60
N THR A 150 -1.88 31.50 6.77
CA THR A 150 -2.34 30.63 5.70
C THR A 150 -3.78 30.22 6.01
N ALA A 151 -4.42 29.59 5.04
CA ALA A 151 -5.83 29.20 5.18
C ALA A 151 -6.04 27.79 4.67
N ALA A 152 -6.94 27.05 5.34
CA ALA A 152 -7.24 25.67 4.99
C ALA A 152 -8.62 25.57 4.33
N LEU A 153 -8.76 24.58 3.45
CA LEU A 153 -10.02 24.31 2.78
C LEU A 153 -10.12 22.81 2.57
N GLY A 154 -11.25 22.34 2.06
CA GLY A 154 -11.32 20.90 1.82
C GLY A 154 -12.62 20.43 1.22
N CYS A 155 -12.78 19.11 1.24
CA CYS A 155 -13.95 18.41 0.74
C CYS A 155 -14.31 17.29 1.71
N LEU A 156 -15.61 17.11 1.94
CA LEU A 156 -16.09 16.03 2.80
C LEU A 156 -16.84 15.02 1.94
N VAL A 157 -16.35 13.78 1.95
CA VAL A 157 -16.92 12.68 1.19
C VAL A 157 -17.60 11.76 2.19
N LYS A 158 -18.93 11.72 2.16
CA LYS A 158 -19.75 11.13 3.20
C LYS A 158 -20.58 9.97 2.67
N ASP A 159 -20.73 8.94 3.51
CA ASP A 159 -21.78 7.94 3.38
C ASP A 159 -21.66 7.18 2.06
N TYR A 160 -20.55 6.45 1.93
CA TYR A 160 -20.33 5.59 0.78
C TYR A 160 -19.96 4.19 1.24
N PHE A 161 -20.06 3.25 0.31
CA PHE A 161 -19.73 1.85 0.53
C PHE A 161 -19.68 1.16 -0.83
N PRO A 162 -18.67 0.31 -1.09
CA PRO A 162 -17.57 0.00 -0.17
C PRO A 162 -16.35 0.90 -0.40
N GLU A 163 -15.29 0.67 0.38
CA GLU A 163 -14.00 1.26 0.08
C GLU A 163 -13.58 0.84 -1.33
N PRO A 164 -12.80 1.66 -2.05
CA PRO A 164 -12.16 2.96 -1.77
C PRO A 164 -12.66 4.16 -2.58
N VAL A 165 -12.39 5.38 -2.11
CA VAL A 165 -12.47 6.59 -2.93
C VAL A 165 -11.06 7.14 -3.07
N THR A 166 -10.82 7.78 -4.21
CA THR A 166 -9.58 8.48 -4.51
C THR A 166 -9.91 9.96 -4.66
N VAL A 167 -9.14 10.80 -3.99
CA VAL A 167 -9.35 12.24 -3.99
C VAL A 167 -8.08 12.92 -4.45
N SER A 168 -8.19 13.69 -5.54
CA SER A 168 -7.13 14.55 -6.02
C SER A 168 -7.57 16.01 -5.97
N TRP A 169 -6.63 16.91 -6.23
CA TRP A 169 -6.92 18.34 -6.19
C TRP A 169 -6.45 19.00 -7.47
N ASN A 170 -7.36 19.72 -8.13
CA ASN A 170 -7.09 20.36 -9.42
C ASN A 170 -6.54 19.35 -10.43
N SER A 171 -7.13 18.16 -10.44
CA SER A 171 -6.70 17.05 -11.29
C SER A 171 -5.23 16.72 -11.07
N GLY A 172 -4.75 16.87 -9.84
CA GLY A 172 -3.37 16.56 -9.53
C GLY A 172 -2.42 17.74 -9.58
N ALA A 173 -2.88 18.91 -10.01
CA ALA A 173 -2.01 20.09 -10.04
C ALA A 173 -1.53 20.45 -8.64
N LEU A 174 -2.45 20.57 -7.69
CA LEU A 174 -2.13 20.86 -6.31
C LEU A 174 -1.89 19.54 -5.58
N THR A 175 -0.65 19.32 -5.14
CA THR A 175 -0.28 18.11 -4.41
C THR A 175 0.24 18.39 -3.01
N SER A 176 0.72 19.58 -2.73
CA SER A 176 1.41 19.89 -1.49
C SER A 176 0.45 20.50 -0.48
N GLY A 177 0.66 20.18 0.79
CA GLY A 177 -0.29 20.58 1.82
C GLY A 177 -1.59 19.81 1.81
N VAL A 178 -1.69 18.79 0.97
CA VAL A 178 -2.90 17.97 0.90
C VAL A 178 -2.84 16.91 1.98
N HIS A 179 -3.89 16.85 2.80
CA HIS A 179 -4.09 15.78 3.77
C HIS A 179 -5.43 15.12 3.48
N THR A 180 -5.39 13.94 2.89
CA THR A 180 -6.59 13.14 2.65
C THR A 180 -6.69 12.12 3.78
N PHE A 181 -7.63 12.35 4.70
CA PHE A 181 -7.72 11.52 5.89
C PHE A 181 -8.18 10.11 5.53
N PRO A 182 -7.79 9.11 6.32
CA PRO A 182 -8.31 7.76 6.13
C PRO A 182 -9.81 7.72 6.40
N ALA A 183 -10.50 6.84 5.69
CA ALA A 183 -11.93 6.69 5.88
C ALA A 183 -12.22 6.05 7.23
N VAL A 184 -13.15 6.64 7.98
CA VAL A 184 -13.63 6.05 9.21
C VAL A 184 -14.95 5.35 8.93
N LEU A 185 -15.29 4.40 9.80
CA LEU A 185 -16.54 3.66 9.71
C LEU A 185 -17.52 4.22 10.73
N GLN A 186 -18.62 4.79 10.23
CA GLN A 186 -19.60 5.43 11.10
C GLN A 186 -20.57 4.40 11.66
N SER A 187 -21.52 4.88 12.48
CA SER A 187 -22.59 4.02 12.98
C SER A 187 -23.51 3.57 11.86
N SER A 188 -23.59 4.37 10.78
CA SER A 188 -24.42 4.04 9.64
C SER A 188 -24.04 2.71 9.00
N GLY A 189 -22.81 2.26 9.19
CA GLY A 189 -22.29 1.17 8.41
C GLY A 189 -21.64 1.61 7.12
N LEU A 190 -21.52 2.92 6.89
CA LEU A 190 -20.92 3.46 5.69
C LEU A 190 -19.68 4.26 6.05
N TYR A 191 -18.77 4.38 5.08
CA TYR A 191 -17.52 5.10 5.29
C TYR A 191 -17.67 6.58 4.99
N SER A 192 -16.67 7.34 5.45
CA SER A 192 -16.68 8.78 5.29
C SER A 192 -15.28 9.30 5.58
N LEU A 193 -14.80 10.22 4.74
CA LEU A 193 -13.50 10.83 4.94
C LEU A 193 -13.55 12.26 4.46
N SER A 194 -12.68 13.09 5.01
CA SER A 194 -12.47 14.42 4.48
C SER A 194 -11.08 14.49 3.85
N SER A 195 -10.92 15.46 2.96
CA SER A 195 -9.64 15.73 2.32
C SER A 195 -9.44 17.24 2.36
N VAL A 196 -8.53 17.70 3.20
CA VAL A 196 -8.25 19.12 3.33
C VAL A 196 -6.94 19.44 2.65
N VAL A 197 -6.72 20.73 2.42
CA VAL A 197 -5.46 21.23 1.88
C VAL A 197 -5.22 22.63 2.44
N THR A 198 -3.97 22.87 2.84
CA THR A 198 -3.54 24.16 3.33
C THR A 198 -2.87 24.95 2.22
N VAL A 199 -3.32 26.18 2.04
CA VAL A 199 -2.85 27.07 0.98
C VAL A 199 -2.55 28.40 1.67
N PRO A 200 -1.94 29.38 1.00
CA PRO A 200 -1.82 30.70 1.63
C PRO A 200 -3.10 31.50 1.49
N SER A 201 -3.40 32.27 2.53
CA SER A 201 -4.61 33.10 2.51
C SER A 201 -4.55 34.13 1.40
N SER A 202 -3.35 34.53 1.00
CA SER A 202 -3.17 35.50 -0.07
C SER A 202 -3.71 35.02 -1.42
N SER A 203 -4.07 33.74 -1.54
CA SER A 203 -4.47 33.17 -2.82
C SER A 203 -5.92 32.70 -2.83
N LEU A 204 -6.67 32.98 -1.77
CA LEU A 204 -8.02 32.43 -1.64
C LEU A 204 -8.91 32.88 -2.80
N GLY A 205 -9.09 34.19 -2.97
CA GLY A 205 -9.95 34.66 -4.03
C GLY A 205 -9.30 34.58 -5.41
N THR A 206 -7.99 34.78 -5.47
CA THR A 206 -7.29 34.81 -6.75
C THR A 206 -7.35 33.46 -7.45
N GLN A 207 -7.18 32.38 -6.70
CA GLN A 207 -7.04 31.04 -7.26
C GLN A 207 -8.30 30.22 -7.00
N THR A 208 -8.77 29.54 -8.04
CA THR A 208 -9.89 28.62 -7.90
C THR A 208 -9.38 27.25 -7.47
N TYR A 209 -10.15 26.59 -6.60
CA TYR A 209 -9.83 25.26 -6.10
C TYR A 209 -10.99 24.32 -6.35
N ILE A 210 -10.72 23.19 -6.99
CA ILE A 210 -11.70 22.11 -7.15
C ILE A 210 -11.07 20.82 -6.64
N CYS A 211 -11.89 19.98 -6.03
CA CYS A 211 -11.45 18.65 -5.61
C CYS A 211 -12.15 17.59 -6.46
N ASN A 212 -11.36 16.61 -6.90
CA ASN A 212 -11.83 15.50 -7.71
C ASN A 212 -12.00 14.28 -6.81
N VAL A 213 -13.25 13.89 -6.58
CA VAL A 213 -13.59 12.68 -5.85
C VAL A 213 -13.97 11.61 -6.86
N ASN A 214 -13.45 10.39 -6.67
CA ASN A 214 -13.79 9.27 -7.55
C ASN A 214 -14.03 8.04 -6.70
N HIS A 215 -15.23 7.47 -6.83
CA HIS A 215 -15.65 6.24 -6.18
C HIS A 215 -15.85 5.19 -7.27
N LYS A 216 -14.84 4.37 -7.52
CA LYS A 216 -14.95 3.32 -8.54
C LYS A 216 -16.10 2.36 -8.30
N PRO A 217 -16.32 1.84 -7.08
CA PRO A 217 -17.44 0.89 -6.87
C PRO A 217 -18.79 1.39 -7.34
N SER A 218 -19.14 2.63 -7.03
CA SER A 218 -20.43 3.19 -7.44
C SER A 218 -20.34 3.94 -8.76
N ASN A 219 -19.17 3.97 -9.38
CA ASN A 219 -18.92 4.72 -10.60
C ASN A 219 -19.36 6.18 -10.42
N THR A 220 -18.97 6.75 -9.29
CA THR A 220 -19.23 8.16 -9.00
C THR A 220 -17.98 8.97 -9.27
N LYS A 221 -18.13 10.07 -10.00
CA LYS A 221 -17.04 10.99 -10.25
C LYS A 221 -17.57 12.40 -10.05
N VAL A 222 -17.01 13.12 -9.09
CA VAL A 222 -17.45 14.49 -8.81
C VAL A 222 -16.25 15.41 -8.79
N ASP A 223 -16.48 16.66 -9.16
CA ASP A 223 -15.50 17.72 -9.02
C ASP A 223 -16.21 18.91 -8.41
N LYS A 224 -15.87 19.25 -7.17
CA LYS A 224 -16.55 20.32 -6.47
C LYS A 224 -15.61 21.50 -6.26
N LYS A 225 -16.08 22.69 -6.63
CA LYS A 225 -15.34 23.93 -6.40
C LYS A 225 -15.52 24.36 -4.95
N VAL A 226 -14.43 24.42 -4.21
CA VAL A 226 -14.43 24.93 -2.85
C VAL A 226 -14.13 26.43 -2.92
N GLU A 227 -15.12 27.25 -2.58
CA GLU A 227 -15.03 28.70 -2.60
C GLU A 227 -15.20 29.24 -1.19
N PRO A 228 -14.66 30.41 -0.89
CA PRO A 228 -14.74 30.95 0.47
C PRO A 228 -16.13 31.49 0.80
N LYS A 229 -16.41 31.56 2.09
CA LYS A 229 -17.61 32.19 2.61
C LYS A 229 -17.36 33.67 2.84
N SER A 230 -18.24 34.52 2.30
CA SER A 230 -18.17 35.96 2.50
C SER A 230 -19.34 36.37 3.40
N CYS A 231 -19.02 36.91 4.56
CA CYS A 231 -20.04 37.15 5.58
C CYS A 231 -20.50 38.61 5.57
N ASP B 9 6.15 -24.85 8.69
CA ASP B 9 6.44 -24.60 7.28
C ASP B 9 7.73 -23.80 7.17
N ILE B 10 7.70 -22.69 6.42
CA ILE B 10 8.72 -21.67 6.47
C ILE B 10 8.03 -20.38 6.89
N GLN B 11 8.24 -19.96 8.13
CA GLN B 11 7.56 -18.80 8.66
C GLN B 11 8.55 -17.99 9.50
N MET B 12 8.36 -16.68 9.49
CA MET B 12 9.35 -15.75 10.03
C MET B 12 8.70 -14.76 10.98
N THR B 13 9.39 -14.49 12.08
CA THR B 13 8.99 -13.47 13.05
C THR B 13 9.91 -12.26 12.89
N GLN B 14 9.31 -11.09 12.69
CA GLN B 14 10.06 -9.85 12.73
C GLN B 14 9.96 -9.22 14.12
N SER B 15 11.03 -8.54 14.51
CA SER B 15 11.00 -7.76 15.74
C SER B 15 11.91 -6.55 15.58
N PRO B 16 11.53 -5.39 16.14
CA PRO B 16 10.31 -5.18 16.91
C PRO B 16 9.08 -5.06 16.02
N SER B 17 7.88 -5.28 16.59
CA SER B 17 6.67 -5.10 15.80
C SER B 17 6.48 -3.64 15.41
N THR B 18 6.83 -2.73 16.31
CA THR B 18 6.79 -1.30 16.04
C THR B 18 7.98 -0.64 16.73
N LEU B 19 8.32 0.56 16.30
CA LEU B 19 9.49 1.24 16.84
C LEU B 19 9.42 2.74 16.55
N SER B 20 9.91 3.54 17.49
CA SER B 20 10.02 4.97 17.34
C SER B 20 11.50 5.36 17.45
N ALA B 21 11.95 6.21 16.55
CA ALA B 21 13.34 6.67 16.55
C ALA B 21 13.43 8.04 15.91
N SER B 22 14.33 8.87 16.44
CA SER B 22 14.52 10.21 15.92
C SER B 22 15.16 10.15 14.53
N VAL B 23 15.08 11.27 13.82
CA VAL B 23 15.70 11.36 12.51
C VAL B 23 17.22 11.26 12.67
N GLY B 24 17.83 10.33 11.93
CA GLY B 24 19.26 10.14 11.93
C GLY B 24 19.74 8.90 12.64
N ASP B 25 18.90 8.30 13.49
CA ASP B 25 19.31 7.14 14.27
C ASP B 25 19.50 5.92 13.40
N ARG B 26 20.35 5.00 13.86
CA ARG B 26 20.45 3.69 13.26
C ARG B 26 19.32 2.81 13.78
N VAL B 27 18.55 2.23 12.87
CA VAL B 27 17.44 1.36 13.24
C VAL B 27 17.60 0.02 12.53
N THR B 28 17.37 -1.07 13.26
CA THR B 28 17.53 -2.42 12.73
C THR B 28 16.31 -3.27 13.06
N ILE B 29 15.75 -3.88 12.02
CA ILE B 29 14.62 -4.79 12.13
C ILE B 29 15.12 -6.20 11.83
N THR B 30 14.80 -7.16 12.69
CA THR B 30 15.32 -8.51 12.57
C THR B 30 14.20 -9.45 12.13
N CYS B 31 14.42 -10.12 11.00
CA CYS B 31 13.53 -11.17 10.51
C CYS B 31 14.20 -12.51 10.75
N SER B 32 13.57 -13.36 11.56
CA SER B 32 14.13 -14.65 11.93
C SER B 32 13.18 -15.76 11.48
N ALA B 33 13.72 -16.71 10.72
CA ALA B 33 12.90 -17.74 10.09
C ALA B 33 12.74 -18.96 10.99
N SER B 34 12.06 -19.98 10.47
CA SER B 34 11.90 -21.26 11.13
C SER B 34 12.53 -22.39 10.33
N SER B 35 13.37 -22.06 9.37
CA SER B 35 14.10 -23.03 8.56
C SER B 35 15.27 -22.32 7.91
N ARG B 36 16.33 -23.07 7.63
CA ARG B 36 17.43 -22.51 6.85
C ARG B 36 16.91 -22.12 5.48
N VAL B 37 17.13 -20.86 5.12
CA VAL B 37 16.57 -20.27 3.91
C VAL B 37 17.69 -19.58 3.16
N GLY B 38 17.69 -19.73 1.83
CA GLY B 38 18.77 -19.21 1.01
C GLY B 38 18.93 -17.71 1.09
N TYR B 39 17.84 -16.99 0.79
CA TYR B 39 17.86 -15.54 0.75
C TYR B 39 16.70 -14.99 1.55
N MET B 40 16.73 -13.68 1.79
CA MET B 40 15.66 -12.98 2.51
C MET B 40 15.52 -11.59 1.93
N HIS B 41 14.37 -11.33 1.32
CA HIS B 41 14.09 -10.05 0.67
C HIS B 41 13.28 -9.17 1.61
N TRP B 42 13.25 -7.87 1.30
CA TRP B 42 12.59 -6.88 2.14
C TRP B 42 11.79 -5.91 1.31
N TYR B 43 10.53 -5.69 1.72
CA TYR B 43 9.60 -4.77 1.10
C TYR B 43 9.28 -3.64 2.05
N GLN B 44 9.18 -2.43 1.52
CA GLN B 44 8.72 -1.26 2.25
C GLN B 44 7.37 -0.86 1.69
N GLN B 45 6.39 -0.66 2.57
CA GLN B 45 5.04 -0.30 2.14
C GLN B 45 4.63 0.96 2.90
N LYS B 46 4.36 2.02 2.13
CA LYS B 46 3.76 3.25 2.64
C LYS B 46 2.27 3.03 2.85
N PRO B 47 1.62 3.89 3.63
CA PRO B 47 0.18 3.67 3.91
C PRO B 47 -0.65 3.77 2.64
N GLY B 48 -1.53 2.79 2.45
CA GLY B 48 -2.42 2.79 1.30
C GLY B 48 -1.71 2.82 -0.05
N LYS B 49 -0.55 2.18 -0.14
CA LYS B 49 0.17 2.07 -1.39
C LYS B 49 0.70 0.64 -1.53
N ALA B 50 1.03 0.26 -2.75
CA ALA B 50 1.55 -1.07 -3.00
C ALA B 50 2.93 -1.23 -2.37
N PRO B 51 3.28 -2.45 -1.95
CA PRO B 51 4.63 -2.69 -1.44
C PRO B 51 5.67 -2.42 -2.52
N LYS B 52 6.83 -1.95 -2.07
CA LYS B 52 7.96 -1.67 -2.95
C LYS B 52 9.13 -2.54 -2.54
N LEU B 53 9.81 -3.13 -3.51
CA LEU B 53 10.99 -3.93 -3.22
C LEU B 53 12.10 -3.02 -2.72
N LEU B 54 12.60 -3.32 -1.52
CA LEU B 54 13.64 -2.54 -0.87
C LEU B 54 14.99 -3.25 -0.95
N ILE B 55 15.06 -4.49 -0.47
CA ILE B 55 16.29 -5.27 -0.46
C ILE B 55 16.01 -6.58 -1.18
N TYR B 56 16.71 -6.84 -2.29
CA TYR B 56 16.52 -8.11 -2.97
C TYR B 56 17.74 -8.99 -2.75
N ASP B 57 17.54 -10.29 -2.99
CA ASP B 57 18.43 -11.34 -2.50
C ASP B 57 18.59 -11.15 -1.00
N THR B 58 19.79 -10.82 -0.50
CA THR B 58 19.93 -10.52 0.92
C THR B 58 20.52 -9.15 1.21
N SER B 59 21.35 -8.61 0.33
CA SER B 59 22.03 -7.35 0.64
C SER B 59 22.05 -6.37 -0.53
N LYS B 60 21.23 -6.58 -1.56
CA LYS B 60 21.30 -5.79 -2.77
C LYS B 60 20.17 -4.76 -2.79
N LEU B 61 20.53 -3.49 -3.03
CA LEU B 61 19.56 -2.42 -3.06
C LEU B 61 18.76 -2.46 -4.36
N ALA B 62 17.44 -2.41 -4.23
CA ALA B 62 16.60 -2.27 -5.40
C ALA B 62 16.68 -0.84 -5.93
N SER B 63 16.32 -0.67 -7.21
CA SER B 63 16.52 0.59 -7.90
C SER B 63 15.85 1.75 -7.15
N GLY B 64 16.63 2.79 -6.90
CA GLY B 64 16.16 4.00 -6.26
C GLY B 64 16.32 4.04 -4.76
N VAL B 65 16.38 2.88 -4.12
CA VAL B 65 16.52 2.82 -2.65
C VAL B 65 17.81 3.54 -2.24
N PRO B 66 17.76 4.51 -1.32
CA PRO B 66 18.97 5.25 -0.96
C PRO B 66 19.95 4.39 -0.19
N SER B 67 21.21 4.83 -0.18
CA SER B 67 22.30 4.06 0.42
C SER B 67 22.11 3.84 1.92
N ARG B 68 21.19 4.58 2.56
CA ARG B 68 20.95 4.39 3.99
C ARG B 68 20.46 3.00 4.33
N PHE B 69 19.95 2.26 3.34
CA PHE B 69 19.36 0.95 3.57
C PHE B 69 20.39 -0.13 3.31
N SER B 70 20.58 -1.00 4.29
CA SER B 70 21.45 -2.16 4.15
C SER B 70 20.71 -3.40 4.65
N GLY B 71 21.06 -4.54 4.08
CA GLY B 71 20.47 -5.80 4.48
C GLY B 71 21.53 -6.84 4.63
N SER B 72 21.32 -7.75 5.59
CA SER B 72 22.35 -8.73 5.91
C SER B 72 21.68 -9.94 6.56
N GLY B 73 22.50 -10.94 6.87
CA GLY B 73 22.06 -12.14 7.56
C GLY B 73 22.38 -13.39 6.77
N SER B 74 22.05 -14.53 7.38
CA SER B 74 22.26 -15.83 6.77
C SER B 74 21.48 -16.87 7.56
N GLY B 75 21.40 -18.07 6.99
CA GLY B 75 20.70 -19.18 7.60
C GLY B 75 19.27 -18.87 8.04
N THR B 76 19.10 -18.59 9.34
CA THR B 76 17.79 -18.44 9.92
C THR B 76 17.68 -17.09 10.65
N GLU B 77 18.61 -16.18 10.39
CA GLU B 77 18.56 -14.85 11.00
C GLU B 77 19.00 -13.80 9.99
N PHE B 78 18.15 -12.79 9.78
CA PHE B 78 18.43 -11.73 8.82
C PHE B 78 18.03 -10.41 9.44
N THR B 79 18.65 -9.32 8.95
CA THR B 79 18.35 -7.99 9.46
C THR B 79 18.30 -6.99 8.30
N LEU B 80 17.37 -6.04 8.42
CA LEU B 80 17.33 -4.83 7.62
C LEU B 80 17.71 -3.66 8.52
N THR B 81 18.61 -2.79 8.04
CA THR B 81 19.03 -1.65 8.84
C THR B 81 19.00 -0.38 8.02
N ILE B 82 18.61 0.71 8.66
CA ILE B 82 18.73 2.06 8.13
C ILE B 82 19.81 2.76 8.96
N SER B 83 20.84 3.26 8.27
CA SER B 83 21.93 3.98 8.91
C SER B 83 21.41 5.25 9.58
N SER B 84 20.99 6.22 8.79
CA SER B 84 20.41 7.46 9.33
C SER B 84 18.95 7.51 8.90
N LEU B 85 18.05 7.50 9.88
CA LEU B 85 16.62 7.52 9.61
C LEU B 85 16.21 8.87 9.05
N GLN B 86 15.46 8.85 7.95
CA GLN B 86 14.93 10.06 7.36
C GLN B 86 13.45 10.19 7.65
N PRO B 87 12.88 11.40 7.59
CA PRO B 87 11.45 11.53 7.86
C PRO B 87 10.58 10.76 6.89
N ASP B 88 11.09 10.50 5.68
CA ASP B 88 10.38 9.77 4.64
C ASP B 88 10.49 8.25 4.81
N ASP B 89 11.04 7.78 5.92
CA ASP B 89 11.15 6.35 6.17
C ASP B 89 10.03 5.82 7.07
N PHE B 90 9.06 6.66 7.40
CA PHE B 90 7.77 6.18 7.90
C PHE B 90 7.19 5.18 6.92
N ALA B 91 7.08 3.92 7.34
CA ALA B 91 6.52 2.86 6.51
C ALA B 91 6.41 1.60 7.36
N THR B 92 5.81 0.57 6.78
CA THR B 92 5.84 -0.77 7.36
C THR B 92 6.72 -1.65 6.48
N TYR B 93 7.71 -2.27 7.11
CA TYR B 93 8.69 -3.09 6.42
C TYR B 93 8.37 -4.56 6.68
N TYR B 94 8.22 -5.32 5.60
CA TYR B 94 7.93 -6.75 5.64
C TYR B 94 9.10 -7.50 5.05
N CYS B 95 9.60 -8.51 5.77
CA CYS B 95 10.53 -9.42 5.14
C CYS B 95 9.74 -10.48 4.37
N PHE B 96 10.37 -11.02 3.33
CA PHE B 96 9.73 -11.94 2.42
C PHE B 96 10.73 -13.04 2.06
N GLN B 97 10.22 -14.25 1.87
CA GLN B 97 11.05 -15.40 1.53
C GLN B 97 10.49 -16.07 0.29
N GLY B 98 11.38 -16.54 -0.57
CA GLY B 98 10.97 -17.18 -1.81
C GLY B 98 11.70 -18.48 -2.08
N SER B 99 12.41 -18.97 -1.07
CA SER B 99 13.23 -20.17 -1.20
C SER B 99 12.44 -21.46 -1.02
N GLY B 100 11.23 -21.38 -0.45
CA GLY B 100 10.42 -22.57 -0.28
C GLY B 100 8.94 -22.25 -0.32
N TYR B 101 8.20 -22.99 -1.14
CA TYR B 101 6.76 -22.79 -1.19
C TYR B 101 6.11 -23.30 0.09
N PRO B 102 5.09 -22.61 0.61
CA PRO B 102 4.54 -21.39 0.02
C PRO B 102 5.33 -20.13 0.39
N PHE B 103 5.36 -19.15 -0.52
CA PHE B 103 5.91 -17.84 -0.18
C PHE B 103 5.25 -17.29 1.07
N THR B 104 6.06 -16.82 2.01
CA THR B 104 5.56 -16.23 3.24
C THR B 104 6.25 -14.91 3.50
N PHE B 105 5.50 -13.97 4.07
CA PHE B 105 6.04 -12.71 4.54
C PHE B 105 6.25 -12.78 6.05
N GLY B 106 7.02 -11.82 6.56
CA GLY B 106 7.09 -11.61 7.98
C GLY B 106 5.80 -10.98 8.49
N GLY B 107 5.69 -10.92 9.82
CA GLY B 107 4.53 -10.29 10.42
C GLY B 107 4.43 -8.81 10.04
N GLY B 108 5.55 -8.13 10.00
CA GLY B 108 5.58 -6.71 9.69
C GLY B 108 6.24 -5.88 10.77
N THR B 109 6.76 -4.71 10.40
CA THR B 109 7.39 -3.81 11.35
C THR B 109 7.05 -2.38 10.98
N LYS B 110 6.31 -1.68 11.85
CA LYS B 110 5.97 -0.29 11.60
C LYS B 110 7.05 0.61 12.17
N VAL B 111 7.59 1.49 11.34
CA VAL B 111 8.67 2.39 11.71
C VAL B 111 8.10 3.79 11.79
N GLU B 112 8.03 4.34 13.00
CA GLU B 112 7.52 5.68 13.22
C GLU B 112 8.66 6.60 13.65
N ILE B 113 8.54 7.88 13.29
CA ILE B 113 9.60 8.86 13.51
C ILE B 113 9.32 9.59 14.82
N LYS B 114 10.24 9.45 15.77
CA LYS B 114 10.17 10.25 16.99
C LYS B 114 10.52 11.69 16.67
N ARG B 115 9.80 12.63 17.27
CA ARG B 115 9.89 14.03 16.88
C ARG B 115 9.78 14.93 18.09
N THR B 116 10.37 16.12 17.97
CA THR B 116 10.13 17.19 18.93
C THR B 116 8.66 17.61 18.88
N VAL B 117 8.12 17.98 20.05
CA VAL B 117 6.71 18.31 20.17
C VAL B 117 6.37 19.49 19.27
N ALA B 118 5.17 19.47 18.71
CA ALA B 118 4.67 20.54 17.86
C ALA B 118 3.17 20.70 18.12
N ALA B 119 2.72 21.98 18.22
CA ALA B 119 1.34 22.32 18.54
C ALA B 119 0.50 22.42 17.27
N PRO B 120 -0.80 22.14 17.35
CA PRO B 120 -1.65 22.08 16.15
C PRO B 120 -2.28 23.41 15.79
N SER B 121 -2.51 23.59 14.49
CA SER B 121 -3.35 24.66 14.00
C SER B 121 -4.78 24.17 13.96
N VAL B 122 -5.68 24.86 14.65
CA VAL B 122 -7.06 24.41 14.84
C VAL B 122 -7.96 25.26 13.96
N PHE B 123 -8.59 24.63 12.98
CA PHE B 123 -9.55 25.24 12.07
C PHE B 123 -10.89 24.55 12.26
N ILE B 124 -11.95 25.16 11.74
CA ILE B 124 -13.30 24.65 11.94
C ILE B 124 -14.13 24.97 10.72
N PHE B 125 -15.00 24.04 10.34
CA PHE B 125 -15.78 24.12 9.11
C PHE B 125 -17.25 23.90 9.43
N PRO B 126 -18.09 24.91 9.23
CA PRO B 126 -19.53 24.72 9.36
C PRO B 126 -20.07 23.89 8.22
N PRO B 127 -21.27 23.30 8.37
CA PRO B 127 -21.79 22.43 7.32
C PRO B 127 -22.05 23.18 6.03
N SER B 128 -21.76 22.53 4.92
CA SER B 128 -22.07 23.09 3.61
C SER B 128 -23.58 23.25 3.46
N ASP B 129 -23.98 24.23 2.64
CA ASP B 129 -25.40 24.42 2.38
C ASP B 129 -25.99 23.26 1.60
N GLU B 130 -25.19 22.59 0.77
CA GLU B 130 -25.69 21.42 0.06
C GLU B 130 -26.02 20.28 1.02
N GLN B 131 -25.17 20.08 2.03
CA GLN B 131 -25.46 19.05 3.03
C GLN B 131 -26.67 19.44 3.87
N LEU B 132 -26.85 20.73 4.14
CA LEU B 132 -28.04 21.18 4.86
C LEU B 132 -29.29 20.92 4.03
N LYS B 133 -29.21 21.10 2.72
CA LYS B 133 -30.31 20.77 1.83
C LYS B 133 -30.72 19.29 1.91
N SER B 134 -29.92 18.46 2.57
CA SER B 134 -30.20 17.03 2.70
C SER B 134 -30.55 16.63 4.13
N GLY B 135 -30.85 17.59 5.00
CA GLY B 135 -31.31 17.27 6.33
C GLY B 135 -30.25 16.89 7.34
N THR B 136 -28.99 16.78 6.93
CA THR B 136 -27.89 16.49 7.84
C THR B 136 -26.90 17.65 7.85
N ALA B 137 -26.22 17.81 8.98
CA ALA B 137 -25.22 18.85 9.13
C ALA B 137 -23.96 18.24 9.72
N SER B 138 -22.81 18.54 9.12
CA SER B 138 -21.53 18.06 9.62
C SER B 138 -20.60 19.25 9.88
N VAL B 139 -20.10 19.33 11.11
CA VAL B 139 -19.15 20.34 11.51
C VAL B 139 -17.80 19.65 11.64
N VAL B 140 -16.84 20.05 10.80
CA VAL B 140 -15.54 19.39 10.75
C VAL B 140 -14.52 20.27 11.48
N CYS B 141 -13.98 19.77 12.59
CA CYS B 141 -12.87 20.43 13.27
C CYS B 141 -11.57 19.80 12.79
N LEU B 142 -10.60 20.65 12.45
CA LEU B 142 -9.36 20.23 11.83
C LEU B 142 -8.18 20.66 12.68
N LEU B 143 -7.41 19.70 13.18
CA LEU B 143 -6.14 19.95 13.84
C LEU B 143 -5.04 19.63 12.84
N ASN B 144 -4.08 20.52 12.70
CA ASN B 144 -3.13 20.41 11.61
C ASN B 144 -1.70 20.49 12.12
N ASN B 145 -0.84 19.58 11.61
CA ASN B 145 0.60 19.57 11.84
C ASN B 145 0.94 19.69 13.32
N PHE B 146 0.79 18.59 14.05
CA PHE B 146 1.10 18.52 15.47
C PHE B 146 1.80 17.20 15.78
N TYR B 147 2.44 17.16 16.95
CA TYR B 147 3.10 15.96 17.49
C TYR B 147 3.11 16.04 19.01
N PRO B 148 2.80 14.93 19.71
CA PRO B 148 2.47 13.59 19.20
C PRO B 148 1.01 13.47 18.74
N ARG B 149 0.64 12.29 18.23
CA ARG B 149 -0.72 12.13 17.69
C ARG B 149 -1.75 12.12 18.80
N GLU B 150 -1.36 11.79 20.03
CA GLU B 150 -2.28 11.86 21.16
C GLU B 150 -2.76 13.30 21.34
N ALA B 151 -4.08 13.48 21.23
CA ALA B 151 -4.69 14.79 21.36
C ALA B 151 -6.16 14.59 21.69
N LYS B 152 -6.67 15.37 22.65
CA LYS B 152 -8.05 15.22 23.10
C LYS B 152 -8.89 16.35 22.54
N VAL B 153 -9.80 16.02 21.62
CA VAL B 153 -10.74 17.00 21.08
C VAL B 153 -12.11 16.73 21.68
N GLN B 154 -12.82 17.82 22.00
CA GLN B 154 -14.11 17.77 22.65
C GLN B 154 -15.04 18.76 21.96
N TRP B 155 -16.31 18.38 21.82
CA TRP B 155 -17.31 19.21 21.19
C TRP B 155 -18.20 19.84 22.25
N LYS B 156 -18.46 21.14 22.11
CA LYS B 156 -19.32 21.88 23.04
C LYS B 156 -20.32 22.70 22.21
N VAL B 157 -21.58 22.28 22.24
CA VAL B 157 -22.65 22.97 21.53
C VAL B 157 -23.40 23.81 22.54
N ASP B 158 -23.40 25.12 22.33
CA ASP B 158 -23.98 26.07 23.29
C ASP B 158 -23.44 25.82 24.70
N ASN B 159 -22.13 25.55 24.76
CA ASN B 159 -21.40 25.32 26.00
C ASN B 159 -21.87 24.06 26.74
N ALA B 160 -22.52 23.14 26.04
CA ALA B 160 -22.89 21.83 26.58
C ALA B 160 -22.03 20.77 25.93
N LEU B 161 -21.46 19.88 26.74
CA LEU B 161 -20.51 18.88 26.25
C LEU B 161 -21.21 17.89 25.33
N GLN B 162 -20.42 17.20 24.51
CA GLN B 162 -20.97 16.30 23.51
C GLN B 162 -20.24 14.96 23.54
N SER B 163 -21.01 13.87 23.46
CA SER B 163 -20.49 12.53 23.21
C SER B 163 -21.40 11.83 22.22
N GLY B 164 -20.97 10.67 21.74
CA GLY B 164 -21.78 9.83 20.90
C GLY B 164 -21.81 10.19 19.42
N ASN B 165 -21.72 11.48 19.09
CA ASN B 165 -22.09 11.96 17.76
C ASN B 165 -20.91 12.46 16.94
N SER B 166 -19.70 11.98 17.18
CA SER B 166 -18.55 12.48 16.45
C SER B 166 -17.54 11.36 16.26
N GLN B 167 -16.68 11.53 15.24
CA GLN B 167 -15.60 10.59 14.99
C GLN B 167 -14.31 11.33 14.59
N GLU B 168 -13.19 10.79 15.05
CA GLU B 168 -11.88 11.30 14.66
C GLU B 168 -11.30 10.49 13.50
N SER B 169 -10.31 11.09 12.85
CA SER B 169 -9.48 10.42 11.86
C SER B 169 -8.13 11.11 11.81
N VAL B 170 -7.05 10.34 11.91
CA VAL B 170 -5.70 10.90 11.94
C VAL B 170 -4.95 10.43 10.69
N THR B 171 -4.21 11.36 10.08
CA THR B 171 -3.44 11.02 8.90
C THR B 171 -2.21 10.19 9.28
N GLU B 172 -1.52 9.71 8.26
CA GLU B 172 -0.20 9.15 8.47
C GLU B 172 0.76 10.27 8.85
N GLN B 173 1.95 9.87 9.32
CA GLN B 173 2.97 10.86 9.66
C GLN B 173 3.46 11.56 8.41
N ASP B 174 3.68 12.87 8.52
CA ASP B 174 4.10 13.67 7.37
C ASP B 174 5.49 13.23 6.92
N SER B 175 5.64 13.05 5.60
CA SER B 175 6.88 12.50 5.08
C SER B 175 8.03 13.49 5.19
N LYS B 176 7.74 14.79 5.22
CA LYS B 176 8.75 15.82 5.44
C LYS B 176 8.74 16.35 6.86
N ASP B 177 7.59 16.38 7.49
CA ASP B 177 7.39 17.04 8.78
C ASP B 177 7.39 16.09 9.97
N SER B 178 7.10 14.80 9.74
CA SER B 178 6.93 13.82 10.81
C SER B 178 5.86 14.27 11.81
N THR B 179 4.91 15.09 11.34
CA THR B 179 3.83 15.57 12.17
C THR B 179 2.57 14.74 11.88
N TYR B 180 1.43 15.22 12.38
CA TYR B 180 0.16 14.55 12.24
C TYR B 180 -0.93 15.57 11.91
N SER B 181 -2.04 15.06 11.39
CA SER B 181 -3.24 15.87 11.22
C SER B 181 -4.44 15.04 11.64
N LEU B 182 -5.40 15.70 12.27
CA LEU B 182 -6.58 15.03 12.81
C LEU B 182 -7.81 15.80 12.38
N SER B 183 -8.89 15.08 12.11
CA SER B 183 -10.18 15.68 11.82
C SER B 183 -11.21 15.02 12.70
N SER B 184 -11.93 15.83 13.48
CA SER B 184 -13.06 15.37 14.28
C SER B 184 -14.32 15.90 13.62
N THR B 185 -15.10 15.00 13.03
CA THR B 185 -16.34 15.36 12.39
C THR B 185 -17.49 15.09 13.36
N LEU B 186 -18.30 16.12 13.62
CA LEU B 186 -19.49 16.02 14.43
C LEU B 186 -20.71 16.12 13.53
N THR B 187 -21.64 15.17 13.67
CA THR B 187 -22.74 15.03 12.74
C THR B 187 -24.06 15.11 13.48
N LEU B 188 -24.99 15.91 12.95
CA LEU B 188 -26.32 16.07 13.51
C LEU B 188 -27.33 16.11 12.38
N SER B 189 -28.61 16.10 12.74
CA SER B 189 -29.67 16.37 11.79
C SER B 189 -29.79 17.87 11.57
N LYS B 190 -30.31 18.25 10.40
CA LYS B 190 -30.60 19.66 10.15
C LYS B 190 -31.48 20.23 11.25
N ALA B 191 -32.39 19.41 11.77
CA ALA B 191 -33.24 19.80 12.89
C ALA B 191 -32.43 20.13 14.13
N ASP B 192 -31.76 19.12 14.70
CA ASP B 192 -30.94 19.32 15.88
C ASP B 192 -29.94 20.45 15.67
N TYR B 193 -29.32 20.48 14.50
CA TYR B 193 -28.32 21.51 14.21
C TYR B 193 -28.94 22.91 14.28
N GLU B 194 -30.11 23.08 13.65
CA GLU B 194 -30.78 24.37 13.67
C GLU B 194 -31.45 24.69 15.00
N LYS B 195 -31.48 23.74 15.94
CA LYS B 195 -31.94 24.03 17.30
C LYS B 195 -30.89 24.74 18.17
N HIS B 196 -29.69 24.98 17.67
CA HIS B 196 -28.62 25.50 18.51
C HIS B 196 -27.84 26.57 17.75
N LYS B 197 -27.03 27.34 18.49
CA LYS B 197 -26.33 28.46 17.89
C LYS B 197 -24.84 28.25 17.81
N VAL B 198 -24.13 28.40 18.94
CA VAL B 198 -22.68 28.36 18.92
C VAL B 198 -22.21 26.92 18.92
N TYR B 199 -21.20 26.63 18.10
CA TYR B 199 -20.60 25.30 17.98
C TYR B 199 -19.10 25.46 18.19
N ALA B 200 -18.56 24.75 19.18
CA ALA B 200 -17.21 24.96 19.65
C ALA B 200 -16.42 23.65 19.65
N CYS B 201 -15.17 23.74 19.21
CA CYS B 201 -14.21 22.65 19.21
C CYS B 201 -13.10 23.02 20.17
N GLU B 202 -12.95 22.25 21.25
CA GLU B 202 -11.91 22.48 22.24
C GLU B 202 -10.86 21.38 22.10
N VAL B 203 -9.61 21.76 21.86
CA VAL B 203 -8.52 20.81 21.75
C VAL B 203 -7.56 20.99 22.92
N THR B 204 -7.12 19.86 23.47
CA THR B 204 -6.07 19.79 24.47
C THR B 204 -4.95 18.94 23.89
N HIS B 205 -3.75 19.51 23.86
CA HIS B 205 -2.61 18.85 23.27
C HIS B 205 -1.37 19.13 24.10
N GLN B 206 -0.35 18.28 23.88
CA GLN B 206 0.91 18.40 24.60
C GLN B 206 1.65 19.70 24.25
N GLY B 207 1.44 20.20 23.04
CA GLY B 207 2.14 21.37 22.54
C GLY B 207 1.48 22.69 22.83
N LEU B 208 0.30 22.69 23.46
CA LEU B 208 -0.40 23.93 23.78
C LEU B 208 -0.27 24.21 25.27
N SER B 209 -0.05 25.48 25.61
CA SER B 209 0.06 25.86 27.03
C SER B 209 -1.21 25.51 27.78
N SER B 210 -2.36 25.67 27.13
CA SER B 210 -3.66 25.36 27.71
C SER B 210 -4.67 25.26 26.57
N PRO B 211 -5.80 24.59 26.77
CA PRO B 211 -6.61 24.13 25.63
C PRO B 211 -7.15 25.28 24.77
N VAL B 212 -7.27 24.99 23.46
CA VAL B 212 -7.70 25.93 22.43
C VAL B 212 -9.17 25.69 22.12
N THR B 213 -9.89 26.75 21.73
CA THR B 213 -11.28 26.61 21.33
C THR B 213 -11.53 27.43 20.06
N LYS B 214 -11.83 26.73 18.97
CA LYS B 214 -12.31 27.38 17.74
C LYS B 214 -13.80 27.12 17.61
N SER B 215 -14.57 28.18 17.35
CA SER B 215 -16.03 28.06 17.37
C SER B 215 -16.64 29.02 16.36
N PHE B 216 -17.93 28.83 16.12
CA PHE B 216 -18.69 29.76 15.27
C PHE B 216 -20.13 29.82 15.73
N ASN B 217 -20.86 30.78 15.18
CA ASN B 217 -22.31 30.90 15.34
C ASN B 217 -22.98 30.46 14.04
N ARG B 218 -24.22 29.99 14.18
CA ARG B 218 -24.88 29.34 13.06
C ARG B 218 -25.21 30.32 11.94
N GLY B 219 -25.73 31.50 12.28
CA GLY B 219 -26.18 32.43 11.26
C GLY B 219 -25.08 33.17 10.54
N GLU B 220 -23.89 33.25 11.13
CA GLU B 220 -22.85 34.13 10.60
C GLU B 220 -22.38 33.62 9.23
N CYS B 221 -22.23 34.57 8.30
CA CYS B 221 -21.93 34.33 6.88
C CYS B 221 -23.15 33.76 6.17
N VAL C 3 22.70 -15.51 -34.98
CA VAL C 3 23.03 -16.50 -33.96
C VAL C 3 22.15 -16.26 -32.72
N GLU C 4 21.51 -15.07 -32.67
CA GLU C 4 20.67 -14.73 -31.52
C GLU C 4 19.53 -15.71 -31.36
N ARG C 5 18.88 -16.06 -32.46
CA ARG C 5 17.79 -17.03 -32.43
C ARG C 5 18.26 -18.39 -31.91
N GLU C 6 19.41 -18.86 -32.40
CA GLU C 6 19.94 -20.16 -32.00
C GLU C 6 20.18 -20.25 -30.49
N LEU C 7 21.02 -19.36 -29.94
CA LEU C 7 21.30 -19.47 -28.51
C LEU C 7 20.07 -19.16 -27.66
N ARG C 8 19.12 -18.36 -28.15
CA ARG C 8 17.93 -18.10 -27.35
C ARG C 8 17.02 -19.34 -27.29
N ASN C 9 16.95 -20.10 -28.39
CA ASN C 9 16.25 -21.38 -28.32
C ASN C 9 16.87 -22.28 -27.27
N TRP C 10 18.21 -22.41 -27.30
CA TRP C 10 18.88 -23.21 -26.28
C TRP C 10 18.55 -22.72 -24.86
N LEU C 11 18.55 -21.40 -24.69
CA LEU C 11 18.30 -20.78 -23.39
C LEU C 11 16.92 -21.15 -22.86
N SER C 12 15.88 -20.93 -23.67
CA SER C 12 14.53 -21.26 -23.22
C SER C 12 14.40 -22.74 -22.89
N GLU C 13 15.00 -23.60 -23.72
CA GLU C 13 14.95 -25.03 -23.45
C GLU C 13 15.53 -25.36 -22.08
N VAL C 14 16.74 -24.87 -21.80
CA VAL C 14 17.39 -25.27 -20.56
C VAL C 14 16.65 -24.67 -19.36
N LEU C 15 16.09 -23.46 -19.49
CA LEU C 15 15.34 -22.91 -18.36
C LEU C 15 14.11 -23.74 -18.05
N SER C 16 13.34 -24.12 -19.08
CA SER C 16 12.20 -24.99 -18.86
C SER C 16 12.64 -26.29 -18.18
N LYS C 17 13.79 -26.82 -18.57
CA LYS C 17 14.31 -28.01 -17.91
C LYS C 17 14.68 -27.74 -16.46
N ILE C 18 15.12 -26.52 -16.16
CA ILE C 18 15.48 -26.16 -14.79
C ILE C 18 14.25 -26.16 -13.90
N ASN C 19 13.14 -25.60 -14.38
CA ASN C 19 11.94 -25.50 -13.54
C ASN C 19 11.45 -26.89 -13.12
N ASP C 20 11.58 -27.89 -14.00
CA ASP C 20 11.08 -29.22 -13.74
C ASP C 20 11.96 -30.03 -12.80
N ALA C 21 13.13 -29.51 -12.43
CA ALA C 21 14.11 -30.29 -11.69
C ALA C 21 13.67 -30.49 -10.24
N PRO C 22 14.04 -31.61 -9.62
CA PRO C 22 13.71 -31.87 -8.19
C PRO C 22 14.74 -31.25 -7.24
N VAL C 23 14.78 -29.92 -7.22
CA VAL C 23 15.67 -29.17 -6.36
C VAL C 23 14.93 -27.93 -5.86
N THR C 24 15.41 -27.39 -4.74
CA THR C 24 14.73 -26.24 -4.17
C THR C 24 14.85 -25.02 -5.08
N ASN C 25 13.98 -24.03 -4.84
CA ASN C 25 13.94 -22.84 -5.68
C ASN C 25 15.26 -22.08 -5.65
N ASP C 26 16.00 -22.19 -4.55
CA ASP C 26 17.33 -21.56 -4.48
C ASP C 26 18.26 -22.11 -5.54
N ILE C 27 18.29 -23.44 -5.68
CA ILE C 27 19.16 -24.06 -6.68
C ILE C 27 18.72 -23.67 -8.09
N LYS C 28 17.40 -23.65 -8.31
CA LYS C 28 16.86 -23.21 -9.60
C LYS C 28 17.29 -21.78 -9.90
N LYS C 29 17.11 -20.89 -8.93
CA LYS C 29 17.54 -19.50 -9.03
C LYS C 29 19.01 -19.38 -9.43
N ALA C 30 19.88 -20.10 -8.71
CA ALA C 30 21.31 -20.05 -8.98
C ALA C 30 21.61 -20.49 -10.41
N ILE C 31 21.12 -21.68 -10.77
CA ILE C 31 21.43 -22.23 -12.09
C ILE C 31 20.86 -21.35 -13.20
N SER C 32 19.69 -20.75 -12.96
CA SER C 32 19.07 -19.91 -13.98
C SER C 32 19.89 -18.65 -14.21
N ASN C 33 20.33 -18.00 -13.14
CA ASN C 33 21.18 -16.82 -13.31
C ASN C 33 22.49 -17.18 -13.98
N GLN C 34 23.05 -18.35 -13.66
CA GLN C 34 24.28 -18.79 -14.32
C GLN C 34 24.07 -18.99 -15.82
N VAL C 35 22.96 -19.64 -16.20
CA VAL C 35 22.67 -19.83 -17.62
C VAL C 35 22.47 -18.49 -18.32
N LEU C 36 21.83 -17.54 -17.64
CA LEU C 36 21.70 -16.19 -18.19
C LEU C 36 23.07 -15.58 -18.45
N LYS C 37 23.95 -15.61 -17.44
CA LYS C 37 25.28 -15.03 -17.61
C LYS C 37 26.03 -15.66 -18.77
N VAL C 38 25.95 -16.99 -18.90
CA VAL C 38 26.68 -17.67 -19.95
C VAL C 38 26.10 -17.32 -21.33
N ALA C 39 24.79 -17.22 -21.44
CA ALA C 39 24.15 -16.90 -22.72
C ALA C 39 24.23 -15.42 -23.07
N GLU C 40 24.58 -14.55 -22.11
CA GLU C 40 24.77 -13.13 -22.42
C GLU C 40 26.23 -12.71 -22.39
N GLN C 41 27.14 -13.55 -21.91
CA GLN C 41 28.57 -13.33 -22.08
C GLN C 41 29.12 -14.06 -23.29
N VAL C 42 28.27 -14.73 -24.07
CA VAL C 42 28.63 -15.06 -25.45
C VAL C 42 28.78 -13.78 -26.26
N TRP C 43 27.94 -12.78 -25.96
CA TRP C 43 28.09 -11.46 -26.55
C TRP C 43 29.47 -10.88 -26.22
N ASN C 44 29.85 -10.89 -24.95
CA ASN C 44 31.15 -10.40 -24.51
C ASN C 44 32.08 -11.56 -24.15
N SER C 47 40.17 -26.22 -28.54
CA SER C 47 39.32 -25.99 -27.39
C SER C 47 37.89 -25.69 -27.82
N LYS C 48 37.43 -26.35 -28.88
CA LYS C 48 36.14 -26.05 -29.47
C LYS C 48 35.09 -27.13 -29.27
N GLU C 49 35.46 -28.30 -28.73
CA GLU C 49 34.48 -29.27 -28.26
C GLU C 49 34.29 -29.23 -26.75
N GLU C 50 35.32 -28.80 -26.00
CA GLU C 50 35.24 -28.72 -24.56
C GLU C 50 34.33 -27.61 -24.05
N LEU C 51 33.78 -26.76 -24.93
CA LEU C 51 32.84 -25.76 -24.44
C LEU C 51 31.65 -26.40 -23.74
N GLN C 52 31.20 -27.56 -24.26
CA GLN C 52 30.13 -28.29 -23.61
C GLN C 52 30.50 -28.68 -22.18
N GLU C 53 31.78 -28.83 -21.89
CA GLU C 53 32.23 -29.02 -20.52
C GLU C 53 32.61 -27.72 -19.83
N ARG C 54 32.94 -26.66 -20.56
CA ARG C 54 33.22 -25.38 -19.90
C ARG C 54 31.91 -24.76 -19.41
N VAL C 55 30.95 -24.55 -20.31
CA VAL C 55 29.64 -24.04 -19.92
C VAL C 55 29.08 -24.87 -18.77
N ARG C 56 29.10 -26.20 -18.93
CA ARG C 56 28.59 -27.10 -17.90
C ARG C 56 29.26 -26.84 -16.56
N LYS C 57 30.58 -26.68 -16.56
CA LYS C 57 31.25 -26.52 -15.28
C LYS C 57 31.07 -25.11 -14.73
N GLU C 58 30.81 -24.12 -15.59
CA GLU C 58 30.63 -22.77 -15.07
C GLU C 58 29.27 -22.63 -14.42
N VAL C 59 28.21 -23.03 -15.12
CA VAL C 59 26.86 -22.80 -14.63
C VAL C 59 26.57 -23.65 -13.41
N CYS C 60 27.25 -24.79 -13.27
CA CYS C 60 26.97 -25.72 -12.18
C CYS C 60 27.93 -25.56 -11.01
N SER C 61 28.81 -24.55 -11.06
CA SER C 61 29.67 -24.25 -9.92
C SER C 61 28.86 -23.90 -8.68
N VAL C 62 27.64 -23.39 -8.87
CA VAL C 62 26.80 -22.94 -7.76
C VAL C 62 26.55 -24.07 -6.78
N CYS C 63 26.55 -25.31 -7.26
CA CYS C 63 26.39 -26.45 -6.37
C CYS C 63 27.57 -26.54 -5.41
N SER C 64 28.78 -26.37 -5.94
CA SER C 64 30.03 -26.42 -5.19
C SER C 64 30.15 -27.69 -4.35
N ASN C 65 30.00 -27.54 -3.03
CA ASN C 65 30.25 -28.63 -2.09
C ASN C 65 29.44 -29.87 -2.43
N VAL C 66 28.11 -29.74 -2.43
CA VAL C 66 27.20 -30.87 -2.58
C VAL C 66 27.41 -31.55 -3.93
N PRO C 67 27.70 -32.86 -3.95
CA PRO C 67 27.84 -33.57 -5.24
C PRO C 67 26.49 -33.85 -5.89
N ALA C 68 25.51 -34.10 -5.04
CA ALA C 68 24.13 -34.30 -5.46
C ALA C 68 23.69 -33.24 -6.44
N CYS C 69 23.93 -31.97 -6.11
CA CYS C 69 23.46 -30.87 -6.95
C CYS C 69 24.15 -30.88 -8.31
N TRP C 70 25.47 -31.11 -8.30
CA TRP C 70 26.21 -31.27 -9.56
C TRP C 70 25.54 -32.30 -10.46
N ALA C 71 25.03 -33.38 -9.88
CA ALA C 71 24.31 -34.40 -10.64
C ALA C 71 23.15 -33.82 -11.46
N ILE C 72 22.12 -33.31 -10.78
CA ILE C 72 20.94 -32.80 -11.48
C ILE C 72 21.31 -31.69 -12.45
N CYS C 73 22.26 -30.83 -12.07
CA CYS C 73 22.68 -29.74 -12.96
C CYS C 73 23.25 -30.27 -14.28
N GLY C 74 24.24 -31.16 -14.19
CA GLY C 74 24.78 -31.74 -15.41
C GLY C 74 23.71 -32.44 -16.22
N GLY C 75 22.81 -33.17 -15.55
CA GLY C 75 21.71 -33.81 -16.26
C GLY C 75 20.86 -32.83 -17.03
N LEU C 76 20.58 -31.66 -16.44
CA LEU C 76 19.95 -30.57 -17.17
C LEU C 76 20.69 -30.24 -18.45
N LEU C 77 22.02 -30.15 -18.38
CA LEU C 77 22.71 -29.71 -19.59
C LEU C 77 22.98 -30.81 -20.62
N GLU C 78 22.82 -32.09 -20.28
CA GLU C 78 23.04 -33.13 -21.27
C GLU C 78 21.94 -33.14 -22.34
N VAL C 79 20.68 -33.17 -21.92
CA VAL C 79 19.56 -33.23 -22.84
C VAL C 79 19.39 -31.92 -23.60
#